data_8E66
#
_entry.id   8E66
#
_cell.length_a   29.841
_cell.length_b   94.685
_cell.length_c   76.259
_cell.angle_alpha   90.000
_cell.angle_beta   94.760
_cell.angle_gamma   90.000
#
_symmetry.space_group_name_H-M   'P 1 21 1'
#
loop_
_entity.id
_entity.type
_entity.pdbx_description
1 polymer 'GGAA-containing 15 bp DNA'
2 polymer 'Complementary 15 bp strand'
3 polymer 'Transcription factor ETV6'
4 non-polymer 'CACODYLATE ION'
5 water water
#
loop_
_entity_poly.entity_id
_entity_poly.type
_entity_poly.pdbx_seq_one_letter_code
_entity_poly.pdbx_strand_id
1 'polydeoxyribonucleotide' (DA)(DA)(DA)(DG)(DC)(DC)(DG)(DG)(DA)(DA)(DG)(DT)(DG)(DA)(DG) B,D
2 'polydeoxyribonucleotide' (DT)(DC)(DT)(DC)(DA)(DC)(DT)(DT)(DC)(DC)(DG)(DG)(DC)(DT)(DT) C,E
3 'polypeptide(L)'
;GSMGRIADSRLLWDYVYQLLSDSRYENFIRWEDKESKIFRIVDPNGLARLWGNHKNRTNMTYEKMSRALRYYYKLNIIRK
EPGQRLLFRFMKTPDEIMSG
;
A,F
#
# COMPACT_ATOMS: atom_id res chain seq x y z
N ASP C 8 -4.12 -3.95 29.71
CA ASP C 8 -4.39 -3.05 28.59
C ASP C 8 -3.47 -3.34 27.41
N SER C 9 -2.22 -3.72 27.71
CA SER C 9 -1.26 -4.02 26.66
C SER C 9 -1.66 -5.26 25.87
N ARG C 10 -2.43 -6.17 26.49
CA ARG C 10 -2.88 -7.37 25.78
C ARG C 10 -3.98 -7.07 24.77
N LEU C 11 -4.63 -5.92 24.87
CA LEU C 11 -5.75 -5.61 23.98
C LEU C 11 -5.24 -5.29 22.58
N LEU C 12 -6.01 -5.71 21.57
CA LEU C 12 -5.58 -5.58 20.19
C LEU C 12 -5.49 -4.12 19.76
N TRP C 13 -6.48 -3.30 20.12
CA TRP C 13 -6.44 -1.90 19.75
C TRP C 13 -5.24 -1.19 20.36
N ASP C 14 -4.84 -1.58 21.57
CA ASP C 14 -3.64 -1.01 22.16
C ASP C 14 -2.40 -1.45 21.41
N TYR C 15 -2.34 -2.72 21.01
CA TYR C 15 -1.18 -3.22 20.27
C TYR C 15 -1.08 -2.56 18.90
N VAL C 16 -2.20 -2.36 18.23
CA VAL C 16 -2.18 -1.75 16.90
C VAL C 16 -1.72 -0.30 16.98
N TYR C 17 -2.17 0.43 18.01
CA TYR C 17 -1.73 1.81 18.17
C TYR C 17 -0.23 1.90 18.43
N GLN C 18 0.30 0.97 19.23
CA GLN C 18 1.73 0.99 19.55
C GLN C 18 2.58 0.74 18.31
N LEU C 19 2.14 -0.18 17.45
CA LEU C 19 2.89 -0.48 16.24
C LEU C 19 2.82 0.69 15.25
N LEU C 20 1.68 1.36 15.17
CA LEU C 20 1.52 2.48 14.26
C LEU C 20 2.36 3.68 14.67
N SER C 21 2.77 3.76 15.94
CA SER C 21 3.61 4.85 16.42
C SER C 21 5.09 4.52 16.37
N ASP C 22 5.45 3.24 16.17
CA ASP C 22 6.84 2.82 16.09
C ASP C 22 7.17 2.59 14.63
N SER C 23 8.04 3.43 14.08
CA SER C 23 8.37 3.37 12.66
C SER C 23 9.09 2.08 12.26
N ARG C 24 9.57 1.29 13.22
CA ARG C 24 10.24 0.04 12.91
C ARG C 24 9.29 -0.99 12.31
N TYR C 25 7.97 -0.79 12.44
CA TYR C 25 6.98 -1.73 11.95
C TYR C 25 6.26 -1.22 10.70
N GLU C 26 6.89 -0.32 9.95
CA GLU C 26 6.24 0.28 8.80
C GLU C 26 5.93 -0.72 7.70
N ASN C 27 6.61 -1.86 7.69
CA ASN C 27 6.40 -2.87 6.64
C ASN C 27 5.42 -3.96 7.07
N PHE C 28 4.87 -3.89 8.28
CA PHE C 28 3.78 -4.74 8.70
C PHE C 28 2.46 -4.00 8.83
N ILE C 29 2.50 -2.74 9.27
CA ILE C 29 1.31 -1.92 9.41
C ILE C 29 1.76 -0.46 9.45
N ARG C 30 0.99 0.42 8.84
CA ARG C 30 1.40 1.81 8.71
C ARG C 30 0.19 2.71 8.55
N TRP C 31 0.35 3.96 8.98
CA TRP C 31 -0.64 4.97 8.67
C TRP C 31 -0.66 5.27 7.18
N GLU C 32 -1.84 5.46 6.63
CA GLU C 32 -2.00 5.98 5.28
C GLU C 32 -2.51 7.41 5.25
N ASP C 33 -3.44 7.74 6.15
CA ASP C 33 -3.86 9.11 6.42
C ASP C 33 -3.85 9.23 7.95
N LYS C 34 -2.69 9.57 8.51
CA LYS C 34 -2.56 9.65 9.97
C LYS C 34 -3.54 10.63 10.58
N GLU C 35 -3.89 11.69 9.84
CA GLU C 35 -4.85 12.67 10.36
C GLU C 35 -6.24 12.07 10.47
N SER C 36 -6.62 11.22 9.53
CA SER C 36 -7.95 10.61 9.50
C SER C 36 -7.99 9.23 10.14
N LYS C 37 -6.91 8.83 10.84
CA LYS C 37 -6.84 7.54 11.52
C LYS C 37 -7.04 6.37 10.56
N ILE C 38 -6.55 6.53 9.33
CA ILE C 38 -6.64 5.50 8.30
C ILE C 38 -5.30 4.79 8.22
N PHE C 39 -5.30 3.47 8.41
CA PHE C 39 -4.08 2.69 8.36
C PHE C 39 -4.26 1.49 7.45
N ARG C 40 -3.13 0.94 7.00
CA ARG C 40 -3.09 -0.20 6.09
C ARG C 40 -2.24 -1.31 6.69
N ILE C 41 -2.73 -2.54 6.60
CA ILE C 41 -1.98 -3.71 7.01
C ILE C 41 -1.13 -4.15 5.83
N VAL C 42 0.19 -3.99 5.97
CA VAL C 42 1.10 -4.27 4.86
C VAL C 42 1.46 -5.76 4.77
N ASP C 43 1.55 -6.45 5.90
CA ASP C 43 1.98 -7.85 5.93
C ASP C 43 1.05 -8.62 6.84
N PRO C 44 -0.09 -9.10 6.31
CA PRO C 44 -1.06 -9.80 7.18
C PRO C 44 -0.50 -11.06 7.84
N ASN C 45 0.29 -11.84 7.11
CA ASN C 45 0.88 -13.04 7.71
C ASN C 45 1.94 -12.67 8.74
N GLY C 46 2.76 -11.66 8.46
CA GLY C 46 3.76 -11.22 9.42
C GLY C 46 3.14 -10.53 10.62
N LEU C 47 2.10 -9.73 10.40
CA LEU C 47 1.42 -9.07 11.50
C LEU C 47 0.71 -10.08 12.42
N ALA C 48 0.19 -11.16 11.85
CA ALA C 48 -0.47 -12.17 12.66
C ALA C 48 0.53 -12.88 13.58
N ARG C 49 1.78 -13.00 13.15
CA ARG C 49 2.79 -13.65 14.00
C ARG C 49 3.20 -12.74 15.16
N LEU C 50 3.29 -11.44 14.92
CA LEU C 50 3.60 -10.50 16.00
C LEU C 50 2.52 -10.51 17.06
N TRP C 51 1.26 -10.66 16.64
CA TRP C 51 0.14 -10.67 17.56
C TRP C 51 0.11 -11.96 18.39
N GLY C 52 0.26 -13.12 17.74
CA GLY C 52 0.32 -14.37 18.48
C GLY C 52 1.48 -14.40 19.48
N ASN C 53 2.62 -13.86 19.09
CA ASN C 53 3.74 -13.75 20.03
C ASN C 53 3.43 -12.74 21.13
N HIS C 54 2.71 -11.67 20.81
CA HIS C 54 2.41 -10.64 21.80
C HIS C 54 1.57 -11.19 22.94
N LYS C 55 0.66 -12.13 22.65
CA LYS C 55 -0.17 -12.77 23.66
C LYS C 55 0.33 -14.15 24.05
N ASN C 56 1.55 -14.51 23.64
CA ASN C 56 2.18 -15.78 23.99
C ASN C 56 1.29 -16.97 23.58
N ARG C 57 0.68 -16.87 22.41
CA ARG C 57 -0.21 -17.91 21.91
C ARG C 57 0.47 -18.74 20.83
N THR C 58 -0.15 -19.87 20.51
CA THR C 58 0.32 -20.75 19.45
C THR C 58 -0.75 -20.84 18.37
N ASN C 59 -0.30 -21.09 17.14
CA ASN C 59 -1.18 -21.33 15.99
C ASN C 59 -2.07 -20.13 15.68
N MET C 60 -1.62 -18.93 15.99
CA MET C 60 -2.36 -17.73 15.61
C MET C 60 -2.18 -17.48 14.12
N THR C 61 -3.30 -17.23 13.43
CA THR C 61 -3.29 -17.00 12.00
C THR C 61 -3.95 -15.66 11.71
N TYR C 62 -3.72 -15.13 10.51
CA TYR C 62 -4.40 -13.90 10.11
C TYR C 62 -5.89 -14.14 9.91
N GLU C 63 -6.27 -15.34 9.45
CA GLU C 63 -7.68 -15.68 9.33
C GLU C 63 -8.38 -15.53 10.66
N LYS C 64 -7.71 -15.90 11.76
CA LYS C 64 -8.29 -15.75 13.09
C LYS C 64 -8.12 -14.34 13.62
N MET C 65 -7.00 -13.66 13.30
CA MET C 65 -6.82 -12.27 13.70
C MET C 65 -7.80 -11.34 13.01
N SER C 66 -8.01 -11.51 11.70
CA SER C 66 -8.97 -10.65 11.00
C SER C 66 -10.38 -10.84 11.54
N ARG C 67 -10.70 -12.03 12.05
CA ARG C 67 -11.97 -12.23 12.73
C ARG C 67 -12.05 -11.36 13.98
N ALA C 68 -10.93 -11.20 14.68
CA ALA C 68 -10.90 -10.28 15.81
C ALA C 68 -11.02 -8.83 15.34
N LEU C 69 -10.55 -8.52 14.13
CA LEU C 69 -10.78 -7.20 13.57
C LEU C 69 -12.23 -7.02 13.17
N ARG C 70 -12.86 -8.08 12.64
CA ARG C 70 -14.30 -8.03 12.38
C ARG C 70 -15.08 -7.95 13.69
N TYR C 71 -14.53 -8.50 14.77
CA TYR C 71 -15.10 -8.26 16.09
C TYR C 71 -14.99 -6.79 16.47
N TYR C 72 -13.97 -6.10 15.97
CA TYR C 72 -13.85 -4.67 16.19
C TYR C 72 -14.81 -3.87 15.31
N TYR C 73 -15.22 -4.45 14.17
CA TYR C 73 -16.31 -3.85 13.40
C TYR C 73 -17.56 -3.71 14.25
N LYS C 74 -17.91 -4.77 14.97
CA LYS C 74 -19.15 -4.79 15.73
C LYS C 74 -19.09 -3.82 16.90
N LEU C 75 -17.94 -3.72 17.57
CA LEU C 75 -17.77 -2.76 18.65
C LEU C 75 -17.55 -1.34 18.15
N ASN C 76 -17.51 -1.14 16.83
CA ASN C 76 -17.33 0.18 16.22
C ASN C 76 -16.00 0.82 16.63
N ILE C 77 -15.01 0.00 16.95
CA ILE C 77 -13.68 0.51 17.24
C ILE C 77 -12.96 0.89 15.95
N ILE C 78 -13.00 -0.01 14.97
CA ILE C 78 -12.46 0.26 13.64
C ILE C 78 -13.55 -0.05 12.61
N ARG C 79 -13.24 0.27 11.35
CA ARG C 79 -14.13 -0.07 10.24
C ARG C 79 -13.29 -0.26 8.99
N LYS C 80 -13.87 -0.96 8.02
CA LYS C 80 -13.22 -1.16 6.74
C LYS C 80 -13.28 0.12 5.92
N GLU C 81 -12.11 0.58 5.44
CA GLU C 81 -12.00 1.72 4.55
C GLU C 81 -11.99 1.24 3.11
N PRO C 82 -12.79 1.83 2.21
CA PRO C 82 -12.99 1.27 0.87
C PRO C 82 -11.92 1.62 -0.16
N GLY C 83 -10.91 2.42 0.20
CA GLY C 83 -9.96 2.89 -0.80
C GLY C 83 -9.16 1.76 -1.44
N GLN C 84 -8.71 0.80 -0.63
CA GLN C 84 -7.92 -0.31 -1.13
C GLN C 84 -8.05 -1.47 -0.16
N ARG C 85 -7.48 -2.60 -0.55
CA ARG C 85 -7.55 -3.79 0.30
C ARG C 85 -6.70 -3.59 1.55
N LEU C 86 -7.14 -4.23 2.65
CA LEU C 86 -6.45 -4.19 3.94
C LEU C 86 -6.28 -2.77 4.45
N LEU C 87 -7.26 -1.91 4.17
CA LEU C 87 -7.28 -0.53 4.64
C LEU C 87 -8.37 -0.38 5.69
N PHE C 88 -8.03 0.24 6.82
CA PHE C 88 -8.95 0.35 7.95
C PHE C 88 -8.88 1.75 8.53
N ARG C 89 -9.91 2.10 9.31
CA ARG C 89 -9.99 3.40 9.95
C ARG C 89 -10.40 3.23 11.40
N PHE C 90 -9.62 3.83 12.31
CA PHE C 90 -10.00 3.89 13.71
C PHE C 90 -11.17 4.86 13.88
N MET C 91 -12.27 4.38 14.45
CA MET C 91 -13.43 5.23 14.68
C MET C 91 -13.45 5.86 16.06
N LYS C 92 -12.61 5.39 16.99
CA LYS C 92 -12.51 5.96 18.32
C LYS C 92 -11.04 6.12 18.69
N THR C 93 -10.74 7.21 19.41
CA THR C 93 -9.41 7.44 19.93
C THR C 93 -9.16 6.48 21.10
N PRO C 94 -7.90 6.32 21.52
CA PRO C 94 -7.63 5.48 22.70
C PRO C 94 -8.36 5.95 23.94
N ASP C 95 -8.53 7.26 24.11
CA ASP C 95 -9.28 7.77 25.26
C ASP C 95 -10.75 7.37 25.18
N GLU C 96 -11.29 7.27 23.96
CA GLU C 96 -12.71 6.96 23.80
C GLU C 96 -12.98 5.47 24.00
N ILE C 97 -12.05 4.60 23.59
CA ILE C 97 -12.24 3.17 23.79
C ILE C 97 -12.24 2.83 25.27
N MET C 98 -11.38 3.49 26.05
CA MET C 98 -11.33 3.26 27.49
C MET C 98 -12.48 3.93 28.22
N SER C 99 -13.16 4.89 27.59
CA SER C 99 -14.32 5.55 28.19
C SER C 99 -15.51 4.59 28.24
N SER F 9 12.17 -1.00 -26.47
CA SER F 9 11.30 0.16 -26.32
C SER F 9 11.82 1.09 -25.22
N ARG F 10 11.57 2.40 -25.39
CA ARG F 10 11.97 3.40 -24.41
C ARG F 10 10.77 4.13 -23.82
N LEU F 11 9.55 3.67 -24.09
CA LEU F 11 8.36 4.32 -23.57
C LEU F 11 8.14 3.94 -22.11
N LEU F 12 7.51 4.85 -21.37
CA LEU F 12 7.38 4.67 -19.93
C LEU F 12 6.38 3.59 -19.57
N TRP F 13 5.26 3.50 -20.30
CA TRP F 13 4.28 2.47 -20.01
C TRP F 13 4.85 1.07 -20.26
N ASP F 14 5.69 0.94 -21.29
CA ASP F 14 6.35 -0.34 -21.53
C ASP F 14 7.32 -0.68 -20.41
N TYR F 15 8.16 0.28 -20.02
CA TYR F 15 9.14 0.04 -18.97
C TYR F 15 8.49 -0.35 -17.65
N VAL F 16 7.37 0.29 -17.32
CA VAL F 16 6.68 -0.03 -16.07
C VAL F 16 6.11 -1.44 -16.10
N TYR F 17 5.65 -1.89 -17.27
CA TYR F 17 5.10 -3.23 -17.37
C TYR F 17 6.16 -4.31 -17.18
N GLN F 18 7.37 -4.08 -17.71
CA GLN F 18 8.45 -5.05 -17.52
C GLN F 18 8.83 -5.17 -16.05
N LEU F 19 8.91 -4.04 -15.34
CA LEU F 19 9.29 -4.08 -13.93
C LEU F 19 8.22 -4.78 -13.10
N LEU F 20 6.95 -4.53 -13.40
CA LEU F 20 5.87 -5.23 -12.70
C LEU F 20 5.84 -6.72 -13.02
N SER F 21 6.42 -7.13 -14.15
CA SER F 21 6.51 -8.54 -14.51
C SER F 21 7.75 -9.21 -13.94
N ASP F 22 8.67 -8.45 -13.34
CA ASP F 22 9.92 -8.98 -12.83
C ASP F 22 9.94 -8.81 -11.31
N SER F 23 9.98 -9.94 -10.59
CA SER F 23 9.98 -9.89 -9.13
C SER F 23 11.26 -9.30 -8.56
N ARG F 24 12.31 -9.18 -9.37
CA ARG F 24 13.54 -8.56 -8.89
C ARG F 24 13.36 -7.08 -8.57
N TYR F 25 12.27 -6.47 -9.03
CA TYR F 25 11.98 -5.07 -8.78
C TYR F 25 10.81 -4.87 -7.83
N GLU F 26 10.47 -5.89 -7.04
CA GLU F 26 9.28 -5.82 -6.19
C GLU F 26 9.41 -4.77 -5.09
N ASN F 27 10.62 -4.35 -4.76
CA ASN F 27 10.83 -3.32 -3.74
C ASN F 27 10.89 -1.92 -4.33
N PHE F 28 10.77 -1.78 -5.65
CA PHE F 28 10.63 -0.49 -6.31
C PHE F 28 9.22 -0.24 -6.79
N ILE F 29 8.61 -1.24 -7.43
CA ILE F 29 7.25 -1.15 -7.95
C ILE F 29 6.68 -2.56 -8.00
N ARG F 30 5.40 -2.69 -7.72
CA ARG F 30 4.81 -4.02 -7.59
C ARG F 30 3.32 -3.96 -7.88
N TRP F 31 2.79 -5.08 -8.35
CA TRP F 31 1.36 -5.25 -8.47
C TRP F 31 0.73 -5.31 -7.08
N GLU F 32 -0.46 -4.75 -6.96
CA GLU F 32 -1.28 -4.91 -5.77
C GLU F 32 -2.58 -5.62 -6.05
N ASP F 33 -3.17 -5.38 -7.22
CA ASP F 33 -4.32 -6.13 -7.73
C ASP F 33 -4.03 -6.35 -9.22
N LYS F 34 -3.33 -7.45 -9.52
CA LYS F 34 -2.85 -7.68 -10.89
C LYS F 34 -4.02 -7.81 -11.87
N GLU F 35 -5.14 -8.40 -11.43
CA GLU F 35 -6.29 -8.54 -12.31
C GLU F 35 -6.83 -7.18 -12.72
N SER F 36 -7.01 -6.28 -11.75
CA SER F 36 -7.48 -4.93 -12.02
C SER F 36 -6.36 -4.00 -12.50
N LYS F 37 -5.14 -4.52 -12.65
CA LYS F 37 -3.99 -3.72 -13.09
C LYS F 37 -3.73 -2.54 -12.16
N ILE F 38 -3.81 -2.79 -10.86
CA ILE F 38 -3.52 -1.80 -9.83
C ILE F 38 -2.14 -2.08 -9.28
N PHE F 39 -1.27 -1.07 -9.30
CA PHE F 39 0.10 -1.23 -8.86
C PHE F 39 0.49 -0.10 -7.90
N ARG F 40 1.54 -0.35 -7.13
CA ARG F 40 2.04 0.59 -6.13
C ARG F 40 3.51 0.88 -6.39
N ILE F 41 3.88 2.15 -6.27
CA ILE F 41 5.27 2.57 -6.38
C ILE F 41 5.86 2.54 -4.96
N VAL F 42 6.72 1.57 -4.70
CA VAL F 42 7.23 1.36 -3.34
C VAL F 42 8.37 2.31 -3.05
N ASP F 43 9.27 2.52 -4.01
CA ASP F 43 10.45 3.38 -3.82
C ASP F 43 10.45 4.39 -4.96
N PRO F 44 9.83 5.55 -4.76
CA PRO F 44 9.73 6.52 -5.86
C PRO F 44 11.09 7.05 -6.33
N ASN F 45 11.96 7.42 -5.38
CA ASN F 45 13.26 7.99 -5.76
C ASN F 45 14.12 6.95 -6.47
N GLY F 46 14.15 5.72 -5.96
CA GLY F 46 14.95 4.68 -6.61
C GLY F 46 14.42 4.30 -7.97
N LEU F 47 13.09 4.23 -8.11
CA LEU F 47 12.49 3.97 -9.42
C LEU F 47 12.82 5.08 -10.40
N ALA F 48 13.04 6.31 -9.91
CA ALA F 48 13.41 7.40 -10.80
C ALA F 48 14.82 7.21 -11.35
N ARG F 49 15.73 6.71 -10.52
CA ARG F 49 17.11 6.43 -10.98
C ARG F 49 17.08 5.34 -12.06
N LEU F 50 16.24 4.33 -11.88
CA LEU F 50 16.13 3.27 -12.89
C LEU F 50 15.52 3.79 -14.18
N TRP F 51 14.62 4.78 -14.09
CA TRP F 51 14.02 5.35 -15.29
C TRP F 51 15.02 6.19 -16.07
N GLY F 52 15.77 7.04 -15.36
CA GLY F 52 16.79 7.84 -16.03
C GLY F 52 17.88 7.00 -16.64
N ASN F 53 18.25 5.90 -15.97
CA ASN F 53 19.23 4.98 -16.53
C ASN F 53 18.69 4.26 -17.76
N HIS F 54 17.38 3.98 -17.77
CA HIS F 54 16.77 3.28 -18.89
C HIS F 54 16.80 4.11 -20.18
N LYS F 55 16.92 5.42 -20.06
CA LYS F 55 16.95 6.31 -21.23
C LYS F 55 18.29 7.01 -21.38
N ASN F 56 19.30 6.63 -20.59
CA ASN F 56 20.67 7.13 -20.74
C ASN F 56 20.74 8.66 -20.61
N ARG F 57 19.99 9.21 -19.66
CA ARG F 57 20.03 10.63 -19.38
C ARG F 57 20.52 10.85 -17.95
N THR F 58 20.67 12.13 -17.59
CA THR F 58 21.18 12.52 -16.29
C THR F 58 20.21 13.49 -15.62
N ASN F 59 20.35 13.60 -14.30
CA ASN F 59 19.56 14.52 -13.48
C ASN F 59 18.06 14.20 -13.54
N MET F 60 17.72 12.92 -13.64
CA MET F 60 16.33 12.49 -13.59
C MET F 60 15.91 12.30 -12.14
N THR F 61 14.86 13.02 -11.74
CA THR F 61 14.33 12.94 -10.37
C THR F 61 12.91 12.41 -10.41
N TYR F 62 12.38 12.07 -9.23
CA TYR F 62 11.01 11.59 -9.17
C TYR F 62 10.01 12.70 -9.49
N GLU F 63 10.32 13.95 -9.09
CA GLU F 63 9.47 15.07 -9.45
C GLU F 63 9.30 15.18 -10.96
N LYS F 64 10.32 14.79 -11.72
CA LYS F 64 10.23 14.82 -13.17
C LYS F 64 9.54 13.58 -13.72
N MET F 65 9.82 12.41 -13.13
CA MET F 65 9.15 11.19 -13.60
C MET F 65 7.67 11.20 -13.21
N SER F 66 7.34 11.73 -12.04
CA SER F 66 5.94 11.81 -11.64
C SER F 66 5.15 12.74 -12.57
N ARG F 67 5.81 13.79 -13.09
CA ARG F 67 5.16 14.62 -14.10
C ARG F 67 4.89 13.83 -15.37
N ALA F 68 5.76 12.89 -15.72
CA ALA F 68 5.49 12.01 -16.85
C ALA F 68 4.32 11.08 -16.56
N LEU F 69 4.19 10.62 -15.31
CA LEU F 69 3.01 9.85 -14.92
C LEU F 69 1.76 10.72 -14.97
N ARG F 70 1.87 11.98 -14.58
CA ARG F 70 0.74 12.90 -14.71
C ARG F 70 0.44 13.20 -16.17
N TYR F 71 1.46 13.14 -17.03
CA TYR F 71 1.20 13.21 -18.47
C TYR F 71 0.41 12.00 -18.93
N TYR F 72 0.57 10.86 -18.25
CA TYR F 72 -0.24 9.68 -18.54
C TYR F 72 -1.66 9.82 -18.01
N TYR F 73 -1.86 10.61 -16.95
CA TYR F 73 -3.22 10.95 -16.52
C TYR F 73 -4.00 11.57 -17.67
N LYS F 74 -3.42 12.55 -18.33
CA LYS F 74 -4.09 13.24 -19.42
C LYS F 74 -4.33 12.31 -20.60
N LEU F 75 -3.39 11.40 -20.88
CA LEU F 75 -3.57 10.42 -21.93
C LEU F 75 -4.51 9.28 -21.51
N ASN F 76 -4.94 9.26 -20.25
CA ASN F 76 -5.80 8.19 -19.72
C ASN F 76 -5.14 6.82 -19.84
N ILE F 77 -3.81 6.79 -19.82
CA ILE F 77 -3.10 5.51 -19.80
C ILE F 77 -3.16 4.91 -18.40
N ILE F 78 -2.86 5.71 -17.38
CA ILE F 78 -3.02 5.32 -16.00
C ILE F 78 -3.90 6.34 -15.30
N ARG F 79 -4.31 6.02 -14.09
CA ARG F 79 -5.03 6.95 -13.23
C ARG F 79 -4.55 6.74 -11.80
N LYS F 80 -4.62 7.81 -11.01
CA LYS F 80 -4.32 7.71 -9.58
C LYS F 80 -5.53 7.14 -8.85
N GLU F 81 -5.26 6.23 -7.93
CA GLU F 81 -6.32 5.74 -7.06
C GLU F 81 -6.68 6.84 -6.08
N PRO F 82 -7.93 7.31 -6.06
CA PRO F 82 -8.26 8.51 -5.28
C PRO F 82 -7.97 8.33 -3.79
N GLY F 83 -7.21 9.27 -3.24
CA GLY F 83 -6.84 9.24 -1.84
C GLY F 83 -5.82 8.20 -1.45
N GLN F 84 -5.46 7.29 -2.35
CA GLN F 84 -4.53 6.21 -2.04
C GLN F 84 -3.14 6.63 -2.48
N ARG F 85 -2.24 6.80 -1.52
CA ARG F 85 -0.92 7.36 -1.79
C ARG F 85 -0.07 6.39 -2.61
N LEU F 86 0.51 6.90 -3.69
CA LEU F 86 1.43 6.15 -4.56
C LEU F 86 0.81 4.87 -5.12
N LEU F 87 -0.52 4.80 -5.17
CA LEU F 87 -1.23 3.68 -5.76
C LEU F 87 -1.85 4.13 -7.08
N PHE F 88 -1.68 3.33 -8.12
CA PHE F 88 -2.14 3.68 -9.46
C PHE F 88 -2.84 2.48 -10.09
N ARG F 89 -3.45 2.72 -11.23
CA ARG F 89 -4.16 1.68 -11.96
C ARG F 89 -4.02 1.92 -13.45
N PHE F 90 -3.63 0.88 -14.19
CA PHE F 90 -3.57 0.97 -15.65
C PHE F 90 -4.98 1.01 -16.22
N MET F 91 -5.31 2.11 -16.89
CA MET F 91 -6.60 2.24 -17.56
C MET F 91 -6.59 1.64 -18.96
N LYS F 92 -5.48 1.07 -19.39
CA LYS F 92 -5.35 0.54 -20.74
C LYS F 92 -4.35 -0.62 -20.74
N THR F 93 -4.72 -1.69 -21.43
CA THR F 93 -3.78 -2.77 -21.69
C THR F 93 -2.71 -2.29 -22.68
N PRO F 94 -1.54 -2.94 -22.69
CA PRO F 94 -0.51 -2.54 -23.67
C PRO F 94 -0.98 -2.65 -25.11
N ASP F 95 -1.88 -3.59 -25.42
CA ASP F 95 -2.42 -3.66 -26.77
C ASP F 95 -3.33 -2.47 -27.06
N GLU F 96 -4.07 -2.01 -26.06
CA GLU F 96 -4.92 -0.83 -26.25
C GLU F 96 -4.10 0.44 -26.42
N ILE F 97 -2.93 0.51 -25.75
CA ILE F 97 -2.09 1.70 -25.88
C ILE F 97 -1.58 1.83 -27.31
N MET F 98 -1.11 0.73 -27.90
CA MET F 98 -0.60 0.75 -29.26
C MET F 98 -1.72 0.84 -30.30
N SER F 99 -2.95 0.46 -29.94
CA SER F 99 -4.05 0.47 -30.90
C SER F 99 -4.58 1.88 -31.11
N GLY F 100 -4.85 2.60 -30.03
CA GLY F 100 -5.37 3.95 -30.12
C GLY F 100 -6.79 4.09 -29.58
#